data_9I67
#
_entry.id   9I67
#
_cell.length_a   60.459
_cell.length_b   86.514
_cell.length_c   132.329
_cell.angle_alpha   90
_cell.angle_beta   90
_cell.angle_gamma   90
#
_symmetry.space_group_name_H-M   'C 2 2 21'
#
loop_
_entity.id
_entity.type
_entity.pdbx_description
1 polymer 'Alkaline serine protease'
2 non-polymer 'CALCIUM ION'
3 non-polymer 'SULFATE ION'
4 non-polymer GLYCEROL
5 non-polymer '(2~{S})-2-[[(1~{S})-1-[(6~{S})-2-azanyl-1,4,5,6-tetrahydropyrimidin-6-yl]-2-[[(2~{S})-4-methyl-1-oxidanylidene-1-[[(2~{S})-1-oxidanylidene-3-phenyl-propan-2-yl]amino]pentan-2-yl]amino]-2-oxidanylidene-ethyl]carbamoylamino]-3-phenyl-propanoic acid'
6 water water
#
_entity_poly.entity_id   1
_entity_poly.type   'polypeptide(L)'
_entity_poly.pdbx_seq_one_letter_code
;LAPNDPYYQQYQWHLHNATGGINAPSAWDVSQGEGVVVAVLDTGILPQHPDLVGNLLEGYDFISDAETSRRATNDRVPGA
QDYGDWVENDNECYTGSVAEDSSWHGTHVAGTVAEQTNNGVGMAGVAHKAKVLPVRVLGKCGGYLSDIADAITWASGGTV
AGVPANANPAEVINMSLGGSGSCDGTYQDAINGAISRGTTVVVAAGNETDNASKYRPASCDGVVTVGATRITGGITYYSN
YGSRVDLSGPGGGGSVDGNPGGYVWQSGSDAATTPESGSYSYMGMGGTSMASPHVAAVAALVQSALIAKGKDPLAPAAMR
TLLKETARPFPVSIPTATPIGTGIVDAKAALAKALE
;
_entity_poly.pdbx_strand_id   A
#
# COMPACT_ATOMS: atom_id res chain seq x y z
N LEU A 1 -8.95 21.03 -0.10
CA LEU A 1 -7.51 21.48 -0.10
C LEU A 1 -6.93 21.22 -1.49
N ALA A 2 -6.36 22.27 -2.12
CA ALA A 2 -5.68 22.16 -3.42
C ALA A 2 -4.18 22.35 -3.14
N PRO A 3 -3.40 21.30 -2.76
CA PRO A 3 -2.03 21.52 -2.26
C PRO A 3 -1.06 22.03 -3.34
N ASN A 4 0.06 22.67 -2.92
CA ASN A 4 0.91 23.37 -3.89
C ASN A 4 2.01 22.46 -4.48
N ASP A 5 1.99 21.14 -4.22
CA ASP A 5 3.03 20.27 -4.78
C ASP A 5 3.12 20.37 -6.31
N PRO A 6 4.32 20.70 -6.86
CA PRO A 6 4.44 21.07 -8.26
C PRO A 6 3.92 20.04 -9.28
N TYR A 7 4.06 18.72 -9.03
CA TYR A 7 3.58 17.75 -10.01
C TYR A 7 2.18 17.20 -9.66
N TYR A 8 1.55 17.71 -8.59
CA TYR A 8 0.27 17.16 -8.13
C TYR A 8 -0.82 17.27 -9.22
N GLN A 9 -1.04 18.50 -9.71
CA GLN A 9 -2.13 18.78 -10.64
C GLN A 9 -1.97 17.97 -11.94
N GLN A 10 -0.77 17.96 -12.55
CA GLN A 10 -0.67 17.30 -13.84
C GLN A 10 -0.67 15.76 -13.70
N TYR A 11 -0.02 15.22 -12.68
CA TYR A 11 0.24 13.79 -12.65
C TYR A 11 -0.77 13.02 -11.78
N GLN A 12 -1.28 13.63 -10.67
CA GLN A 12 -1.92 12.77 -9.65
C GLN A 12 -3.45 12.62 -9.77
N TRP A 13 -3.88 12.03 -10.90
CA TRP A 13 -5.29 11.86 -11.21
C TRP A 13 -5.93 10.95 -10.19
N HIS A 14 -5.12 10.03 -9.64
CA HIS A 14 -5.63 9.03 -8.70
C HIS A 14 -6.11 9.71 -7.40
N LEU A 15 -5.64 10.95 -7.19
CA LEU A 15 -6.06 11.74 -6.02
C LEU A 15 -7.29 12.63 -6.30
N HIS A 16 -7.35 13.25 -7.47
CA HIS A 16 -8.26 14.38 -7.68
C HIS A 16 -9.12 14.21 -8.93
N ASN A 17 -8.95 13.18 -9.78
CA ASN A 17 -9.79 13.03 -10.97
C ASN A 17 -11.21 12.62 -10.59
N ALA A 18 -12.21 13.13 -11.36
CA ALA A 18 -13.61 12.98 -11.02
C ALA A 18 -14.12 11.56 -11.29
N THR A 19 -13.61 10.82 -12.29
CA THR A 19 -14.09 9.45 -12.48
C THR A 19 -13.16 8.41 -11.84
N GLY A 20 -11.85 8.69 -11.73
CA GLY A 20 -10.99 7.63 -11.20
C GLY A 20 -10.19 7.98 -9.93
N GLY A 21 -10.34 9.20 -9.38
CA GLY A 21 -9.64 9.57 -8.16
C GLY A 21 -10.39 9.18 -6.89
N ILE A 22 -9.80 9.38 -5.70
CA ILE A 22 -10.43 8.95 -4.45
C ILE A 22 -11.03 10.14 -3.68
N ASN A 23 -11.30 11.27 -4.36
CA ASN A 23 -11.95 12.39 -3.70
C ASN A 23 -11.08 12.96 -2.57
N ALA A 24 -9.76 12.98 -2.78
CA ALA A 24 -8.86 13.35 -1.70
C ALA A 24 -8.99 14.84 -1.39
N PRO A 25 -9.17 15.78 -2.34
CA PRO A 25 -9.21 17.21 -2.00
C PRO A 25 -10.20 17.56 -0.93
N SER A 26 -11.39 16.97 -1.05
CA SER A 26 -12.45 17.24 -0.11
C SER A 26 -12.18 16.55 1.23
N ALA A 27 -11.65 15.31 1.16
CA ALA A 27 -11.26 14.59 2.37
C ALA A 27 -10.25 15.39 3.22
N TRP A 28 -9.29 16.01 2.54
CA TRP A 28 -8.21 16.73 3.25
C TRP A 28 -8.71 17.99 3.99
N ASP A 29 -9.93 18.49 3.65
CA ASP A 29 -10.52 19.55 4.46
C ASP A 29 -10.92 19.01 5.83
N VAL A 30 -11.01 17.68 6.02
CA VAL A 30 -11.52 17.12 7.27
C VAL A 30 -10.35 16.47 8.01
N SER A 31 -9.48 15.71 7.31
CA SER A 31 -8.49 14.95 8.05
C SER A 31 -7.27 14.75 7.15
N GLN A 32 -6.07 14.67 7.73
CA GLN A 32 -4.85 14.37 6.98
C GLN A 32 -4.15 13.15 7.62
N GLY A 33 -4.83 12.45 8.56
CA GLY A 33 -4.32 11.26 9.23
C GLY A 33 -3.32 11.48 10.40
N GLU A 34 -3.25 12.71 10.94
CA GLU A 34 -2.30 13.01 12.01
C GLU A 34 -2.55 12.05 13.16
N GLY A 35 -1.48 11.51 13.75
CA GLY A 35 -1.72 10.74 14.95
C GLY A 35 -1.83 9.23 14.69
N VAL A 36 -1.95 8.77 13.42
CA VAL A 36 -2.05 7.33 13.13
C VAL A 36 -0.75 6.79 12.55
N VAL A 37 -0.43 5.50 12.78
CA VAL A 37 0.70 4.87 12.15
C VAL A 37 0.22 3.80 11.18
N VAL A 38 0.73 3.84 9.94
CA VAL A 38 0.42 2.79 8.97
C VAL A 38 1.71 2.01 8.68
N ALA A 39 1.66 0.69 8.85
CA ALA A 39 2.80 -0.16 8.56
C ALA A 39 2.76 -0.57 7.08
N VAL A 40 3.89 -0.32 6.39
CA VAL A 40 4.03 -0.67 4.98
C VAL A 40 5.02 -1.82 4.86
N LEU A 41 4.45 -2.99 4.58
CA LEU A 41 5.24 -4.20 4.57
C LEU A 41 5.57 -4.44 3.10
N ASP A 42 6.86 -4.24 2.74
CA ASP A 42 7.16 -4.06 1.33
C ASP A 42 8.68 -4.24 1.11
N THR A 43 9.18 -3.67 0.03
CA THR A 43 10.60 -3.79 -0.35
C THR A 43 11.49 -2.95 0.56
N GLY A 44 10.91 -2.21 1.53
CA GLY A 44 11.78 -1.31 2.27
C GLY A 44 11.59 0.15 1.84
N ILE A 45 12.56 1.03 2.19
CA ILE A 45 12.35 2.45 1.99
C ILE A 45 13.66 3.18 1.70
N LEU A 46 13.49 4.33 1.05
CA LEU A 46 14.57 5.28 0.87
C LEU A 46 14.35 6.37 1.93
N PRO A 47 14.91 6.21 3.14
CA PRO A 47 14.47 7.04 4.26
C PRO A 47 14.81 8.53 4.21
N GLN A 48 15.70 8.93 3.31
CA GLN A 48 16.01 10.36 3.25
C GLN A 48 15.41 11.03 2.00
N HIS A 49 14.50 10.33 1.27
CA HIS A 49 13.87 10.99 0.13
C HIS A 49 13.30 12.32 0.63
N PRO A 50 13.58 13.47 -0.03
CA PRO A 50 13.24 14.77 0.53
C PRO A 50 11.72 14.94 0.57
N ASP A 51 10.95 14.10 -0.13
CA ASP A 51 9.49 14.33 -0.08
C ASP A 51 8.82 13.38 0.90
N LEU A 52 9.62 12.57 1.66
CA LEU A 52 9.11 11.66 2.68
C LEU A 52 9.63 11.99 4.07
N VAL A 53 10.90 12.44 4.18
CA VAL A 53 11.51 12.71 5.48
C VAL A 53 10.57 13.51 6.39
N GLY A 54 10.43 13.10 7.63
CA GLY A 54 9.51 13.87 8.44
C GLY A 54 8.26 13.05 8.70
N ASN A 55 7.89 12.14 7.75
CA ASN A 55 6.71 11.30 7.89
C ASN A 55 7.08 9.84 8.18
N LEU A 56 8.39 9.55 8.38
CA LEU A 56 8.82 8.16 8.45
C LEU A 56 9.24 7.79 9.87
N LEU A 57 8.96 6.54 10.28
CA LEU A 57 9.51 5.97 11.51
C LEU A 57 10.65 5.04 11.09
N GLU A 58 11.50 4.62 12.05
CA GLU A 58 12.67 3.84 11.70
C GLU A 58 12.29 2.48 11.11
N GLY A 59 11.32 1.80 11.72
CA GLY A 59 10.88 0.52 11.20
C GLY A 59 11.97 -0.54 11.33
N TYR A 60 11.81 -1.64 10.56
CA TYR A 60 12.65 -2.82 10.79
C TYR A 60 12.76 -3.64 9.50
N ASP A 61 13.82 -4.43 9.41
CA ASP A 61 14.00 -5.27 8.24
C ASP A 61 13.91 -6.73 8.71
N PHE A 62 12.80 -7.42 8.35
CA PHE A 62 12.46 -8.80 8.71
C PHE A 62 13.02 -9.84 7.75
N ILE A 63 13.73 -9.45 6.65
CA ILE A 63 14.26 -10.44 5.70
C ILE A 63 15.40 -11.25 6.33
N SER A 64 15.21 -12.57 6.46
CA SER A 64 16.19 -13.39 7.18
C SER A 64 17.05 -14.20 6.19
N ASP A 65 17.65 -13.56 5.18
CA ASP A 65 18.37 -14.28 4.14
C ASP A 65 19.20 -13.24 3.41
N ALA A 66 20.51 -13.37 3.57
CA ALA A 66 21.40 -12.31 3.14
C ALA A 66 21.29 -12.09 1.62
N GLU A 67 21.10 -13.19 0.87
CA GLU A 67 21.09 -13.09 -0.56
C GLU A 67 19.88 -12.26 -1.03
N THR A 68 18.76 -12.31 -0.27
CA THR A 68 17.52 -11.62 -0.62
C THR A 68 17.62 -10.17 -0.14
N SER A 69 18.12 -9.97 1.08
CA SER A 69 18.11 -8.63 1.66
C SER A 69 19.26 -7.78 1.11
N ARG A 70 20.28 -8.43 0.53
CA ARG A 70 21.52 -7.78 0.09
C ARG A 70 22.33 -7.23 1.28
N ARG A 71 22.09 -7.73 2.49
CA ARG A 71 22.81 -7.24 3.66
C ARG A 71 23.91 -8.26 3.97
N ALA A 72 24.76 -7.95 4.96
CA ALA A 72 25.88 -8.82 5.24
C ALA A 72 25.47 -10.12 5.93
N THR A 73 24.33 -10.20 6.67
CA THR A 73 23.98 -11.43 7.39
C THR A 73 22.52 -11.80 7.13
N ASN A 74 22.15 -12.98 7.62
CA ASN A 74 20.81 -13.52 7.57
C ASN A 74 19.96 -12.96 8.70
N ASP A 75 20.50 -12.03 9.48
CA ASP A 75 19.72 -11.51 10.59
C ASP A 75 18.69 -10.52 10.09
N ARG A 76 17.62 -10.38 10.88
CA ARG A 76 16.74 -9.24 10.80
C ARG A 76 17.37 -8.09 11.58
N VAL A 77 17.20 -6.85 11.11
CA VAL A 77 17.90 -5.73 11.74
C VAL A 77 16.98 -4.51 11.80
N PRO A 78 17.22 -3.56 12.73
CA PRO A 78 16.46 -2.28 12.81
C PRO A 78 16.66 -1.49 11.51
N GLY A 79 15.72 -0.57 11.23
CA GLY A 79 15.77 0.21 10.00
C GLY A 79 15.20 -0.61 8.83
N ALA A 80 14.76 0.08 7.76
CA ALA A 80 14.14 -0.59 6.61
C ALA A 80 14.74 -0.14 5.27
N GLN A 81 15.98 0.38 5.29
CA GLN A 81 16.67 0.80 4.05
C GLN A 81 16.41 -0.25 2.98
N ASP A 82 15.93 0.17 1.81
CA ASP A 82 15.87 -0.70 0.64
C ASP A 82 17.28 -0.76 0.02
N TYR A 83 17.90 -1.95 -0.02
CA TYR A 83 19.20 -2.17 -0.67
C TYR A 83 19.05 -2.30 -2.19
N GLY A 84 17.82 -2.39 -2.71
CA GLY A 84 17.64 -2.63 -4.13
C GLY A 84 17.26 -4.09 -4.40
N ASP A 85 16.13 -4.31 -5.10
CA ASP A 85 15.67 -5.66 -5.40
C ASP A 85 15.92 -6.05 -6.87
N TRP A 86 16.83 -5.37 -7.59
CA TRP A 86 17.17 -5.71 -8.99
C TRP A 86 17.55 -7.18 -9.14
N VAL A 87 17.32 -7.74 -10.33
CA VAL A 87 17.76 -9.10 -10.60
C VAL A 87 18.49 -8.99 -11.92
N GLU A 88 19.75 -9.41 -11.94
CA GLU A 88 20.63 -9.16 -13.06
C GLU A 88 20.29 -10.04 -14.25
N ASN A 89 19.84 -11.29 -14.05
CA ASN A 89 19.78 -12.22 -15.18
C ASN A 89 18.37 -12.79 -15.27
N ASP A 90 17.96 -13.14 -16.49
CA ASP A 90 16.77 -13.94 -16.69
C ASP A 90 16.88 -15.25 -15.91
N ASN A 91 15.72 -15.76 -15.46
CA ASN A 91 15.53 -17.08 -14.82
C ASN A 91 16.11 -17.17 -13.41
N GLU A 92 16.54 -16.04 -12.83
CA GLU A 92 17.11 -16.18 -11.50
C GLU A 92 16.02 -16.45 -10.46
N CYS A 93 14.82 -15.90 -10.62
CA CYS A 93 13.77 -15.99 -9.60
C CYS A 93 12.94 -17.25 -9.81
N TYR A 94 12.74 -17.66 -11.05
CA TYR A 94 11.98 -18.86 -11.37
C TYR A 94 12.21 -19.10 -12.85
N THR A 95 11.96 -20.31 -13.31
CA THR A 95 12.11 -20.58 -14.74
C THR A 95 11.15 -19.69 -15.53
N GLY A 96 11.70 -18.83 -16.40
CA GLY A 96 10.89 -17.85 -17.10
C GLY A 96 10.94 -16.43 -16.54
N SER A 97 11.65 -16.17 -15.44
CA SER A 97 11.62 -14.80 -14.89
C SER A 97 12.50 -13.89 -15.75
N VAL A 98 12.18 -12.59 -15.75
CA VAL A 98 12.98 -11.75 -16.60
C VAL A 98 13.81 -10.78 -15.75
N ALA A 99 15.05 -10.52 -16.20
CA ALA A 99 15.90 -9.61 -15.45
C ALA A 99 15.15 -8.29 -15.24
N GLU A 100 15.39 -7.55 -14.15
CA GLU A 100 14.91 -6.16 -14.14
C GLU A 100 15.59 -5.32 -13.10
N ASP A 101 15.31 -4.04 -13.24
CA ASP A 101 15.90 -3.00 -12.42
C ASP A 101 15.26 -2.99 -11.04
N SER A 102 15.96 -2.33 -10.10
CA SER A 102 15.40 -2.14 -8.78
C SER A 102 14.04 -1.45 -8.86
N SER A 103 13.06 -1.88 -8.02
CA SER A 103 11.72 -1.30 -8.07
C SER A 103 11.60 -0.03 -7.25
N TRP A 104 12.28 0.08 -6.10
CA TRP A 104 11.92 1.09 -5.08
C TRP A 104 10.41 1.06 -4.78
N HIS A 105 9.82 -0.14 -4.80
CA HIS A 105 8.38 -0.33 -4.73
C HIS A 105 7.88 0.15 -3.37
N GLY A 106 8.62 -0.18 -2.30
CA GLY A 106 8.11 0.22 -0.98
C GLY A 106 8.10 1.72 -0.78
N THR A 107 9.00 2.46 -1.47
CA THR A 107 9.08 3.93 -1.35
C THR A 107 7.87 4.55 -2.09
N HIS A 108 7.50 3.95 -3.22
CA HIS A 108 6.34 4.41 -3.98
C HIS A 108 5.06 4.22 -3.15
N VAL A 109 4.91 3.01 -2.59
CA VAL A 109 3.73 2.72 -1.78
C VAL A 109 3.65 3.62 -0.55
N ALA A 110 4.80 3.81 0.16
CA ALA A 110 4.81 4.70 1.31
C ALA A 110 4.42 6.11 0.90
N GLY A 111 4.82 6.52 -0.34
CA GLY A 111 4.44 7.81 -0.89
C GLY A 111 2.90 7.97 -1.00
N THR A 112 2.21 6.96 -1.55
CA THR A 112 0.76 7.02 -1.64
C THR A 112 0.22 7.25 -0.24
N VAL A 113 0.79 6.50 0.73
CA VAL A 113 0.27 6.57 2.09
C VAL A 113 0.48 7.97 2.70
N ALA A 114 1.72 8.47 2.65
CA ALA A 114 2.03 9.63 3.49
C ALA A 114 3.05 10.56 2.86
N GLU A 115 3.15 10.68 1.51
CA GLU A 115 4.12 11.62 0.94
C GLU A 115 3.85 13.03 1.51
N GLN A 116 4.89 13.76 1.94
CA GLN A 116 4.68 15.13 2.42
C GLN A 116 3.97 15.97 1.35
N THR A 117 2.98 16.77 1.79
CA THR A 117 2.03 17.43 0.91
C THR A 117 1.94 18.92 1.26
N ASN A 118 1.64 19.71 0.24
CA ASN A 118 1.52 21.15 0.37
C ASN A 118 2.88 21.68 0.83
N ASN A 119 4.00 21.02 0.46
CA ASN A 119 5.33 21.48 0.88
C ASN A 119 6.12 22.11 -0.28
N GLY A 120 5.50 22.39 -1.44
CA GLY A 120 6.25 22.99 -2.55
C GLY A 120 7.25 22.04 -3.20
N VAL A 121 7.12 20.73 -2.98
CA VAL A 121 8.09 19.75 -3.48
C VAL A 121 7.37 18.51 -4.04
N GLY A 122 7.73 18.10 -5.24
CA GLY A 122 7.33 16.82 -5.82
C GLY A 122 5.81 16.61 -5.91
N MET A 123 5.34 15.58 -5.16
CA MET A 123 3.97 15.13 -5.33
C MET A 123 3.29 15.19 -3.96
N ALA A 124 2.02 14.73 -3.89
CA ALA A 124 1.24 14.68 -2.66
C ALA A 124 1.03 13.22 -2.23
N GLY A 125 0.65 13.01 -0.97
CA GLY A 125 0.25 11.73 -0.40
C GLY A 125 -1.16 11.84 0.22
N VAL A 126 -1.72 10.69 0.59
CA VAL A 126 -3.11 10.67 1.00
C VAL A 126 -3.24 11.04 2.50
N ALA A 127 -2.62 10.26 3.41
CA ALA A 127 -2.62 10.48 4.85
C ALA A 127 -1.29 11.18 5.18
N HIS A 128 -1.19 12.42 4.72
CA HIS A 128 0.11 13.06 4.74
C HIS A 128 0.50 13.71 6.08
N LYS A 129 -0.31 13.57 7.16
CA LYS A 129 0.21 13.87 8.48
C LYS A 129 0.32 12.63 9.38
N ALA A 130 0.01 11.43 8.83
CA ALA A 130 0.28 10.15 9.48
C ALA A 130 1.77 9.88 9.49
N LYS A 131 2.19 8.79 10.18
CA LYS A 131 3.52 8.27 9.98
C LYS A 131 3.46 6.91 9.32
N VAL A 132 4.41 6.68 8.38
CA VAL A 132 4.69 5.33 7.90
C VAL A 132 5.72 4.62 8.79
N LEU A 133 5.39 3.38 9.16
CA LEU A 133 6.27 2.42 9.79
C LEU A 133 6.67 1.46 8.70
N PRO A 134 7.88 1.60 8.16
CA PRO A 134 8.30 0.77 7.04
C PRO A 134 8.83 -0.52 7.63
N VAL A 135 8.32 -1.62 7.11
CA VAL A 135 8.78 -2.91 7.56
C VAL A 135 9.20 -3.70 6.31
N ARG A 136 10.51 -3.95 6.17
CA ARG A 136 11.05 -4.47 4.92
C ARG A 136 10.90 -6.02 4.93
N VAL A 137 10.10 -6.56 3.99
CA VAL A 137 9.89 -8.01 3.93
C VAL A 137 10.26 -8.59 2.55
N LEU A 138 10.56 -7.73 1.56
CA LEU A 138 10.73 -8.15 0.17
C LEU A 138 12.08 -7.66 -0.28
N GLY A 139 12.85 -8.57 -0.92
CA GLY A 139 14.13 -8.20 -1.48
C GLY A 139 14.30 -8.76 -2.90
N LYS A 140 15.52 -9.18 -3.23
CA LYS A 140 15.82 -9.81 -4.51
C LYS A 140 14.89 -11.03 -4.70
N CYS A 141 14.12 -11.05 -5.80
CA CYS A 141 13.19 -12.11 -6.13
C CYS A 141 12.10 -12.24 -5.08
N GLY A 142 11.84 -11.20 -4.26
CA GLY A 142 10.68 -11.28 -3.39
C GLY A 142 11.02 -11.61 -1.93
N GLY A 143 10.16 -12.42 -1.26
CA GLY A 143 10.42 -12.63 0.15
C GLY A 143 9.88 -13.96 0.64
N TYR A 144 9.75 -14.13 1.98
CA TYR A 144 9.50 -15.43 2.59
C TYR A 144 8.29 -15.35 3.53
N LEU A 145 7.44 -16.39 3.45
CA LEU A 145 6.21 -16.39 4.23
C LEU A 145 6.49 -16.08 5.71
N SER A 146 7.54 -16.69 6.22
CA SER A 146 7.62 -16.66 7.67
C SER A 146 8.14 -15.29 8.11
N ASP A 147 8.85 -14.60 7.22
CA ASP A 147 9.26 -13.22 7.47
C ASP A 147 8.04 -12.33 7.36
N ILE A 148 7.21 -12.59 6.34
CA ILE A 148 6.05 -11.74 6.20
C ILE A 148 5.12 -11.90 7.42
N ALA A 149 4.86 -13.14 7.88
CA ALA A 149 4.03 -13.41 9.06
C ALA A 149 4.52 -12.71 10.33
N ASP A 150 5.81 -12.81 10.62
CA ASP A 150 6.35 -12.17 11.81
C ASP A 150 6.27 -10.64 11.68
N ALA A 151 6.49 -10.15 10.46
CA ALA A 151 6.33 -8.70 10.25
C ALA A 151 4.92 -8.24 10.61
N ILE A 152 3.90 -8.99 10.20
CA ILE A 152 2.52 -8.62 10.57
C ILE A 152 2.36 -8.58 12.11
N THR A 153 2.87 -9.64 12.75
CA THR A 153 2.76 -9.71 14.20
C THR A 153 3.34 -8.43 14.82
N TRP A 154 4.62 -8.14 14.52
CA TRP A 154 5.33 -7.02 15.13
C TRP A 154 4.67 -5.68 14.78
N ALA A 155 4.34 -5.49 13.50
CA ALA A 155 3.86 -4.20 13.08
C ALA A 155 2.58 -3.86 13.86
N SER A 156 1.76 -4.88 14.16
CA SER A 156 0.47 -4.72 14.84
C SER A 156 0.60 -4.76 16.38
N GLY A 157 1.85 -4.85 16.89
CA GLY A 157 2.09 -4.71 18.32
C GLY A 157 2.19 -6.06 19.04
N GLY A 158 2.25 -7.18 18.28
CA GLY A 158 2.47 -8.49 18.89
C GLY A 158 3.97 -8.69 19.17
N THR A 159 4.34 -9.85 19.71
CA THR A 159 5.71 -10.13 20.15
C THR A 159 6.34 -11.10 19.16
N VAL A 160 7.59 -10.82 18.75
CA VAL A 160 8.32 -11.75 17.89
C VAL A 160 9.65 -12.04 18.60
N ALA A 161 9.97 -13.33 18.75
CA ALA A 161 11.23 -13.70 19.36
C ALA A 161 12.38 -13.05 18.59
N GLY A 162 13.25 -12.36 19.32
CA GLY A 162 14.44 -11.88 18.67
C GLY A 162 14.25 -10.45 18.18
N VAL A 163 13.04 -9.88 18.24
CA VAL A 163 12.95 -8.48 17.86
C VAL A 163 12.45 -7.65 19.05
N PRO A 164 13.02 -6.45 19.34
CA PRO A 164 12.57 -5.63 20.46
C PRO A 164 11.13 -5.22 20.21
N ALA A 165 10.36 -5.05 21.30
CA ALA A 165 8.97 -4.64 21.25
C ALA A 165 8.79 -3.38 20.36
N ASN A 166 7.71 -3.37 19.56
CA ASN A 166 7.38 -2.27 18.66
C ASN A 166 6.82 -1.13 19.50
N ALA A 167 7.53 0.03 19.58
CA ALA A 167 7.07 1.16 20.36
C ALA A 167 5.95 1.85 19.59
N ASN A 168 5.71 1.50 18.32
CA ASN A 168 4.69 2.24 17.58
C ASN A 168 3.74 1.28 16.85
N PRO A 169 2.87 0.57 17.59
CA PRO A 169 2.00 -0.43 16.95
C PRO A 169 1.14 0.33 15.94
N ALA A 170 0.79 -0.34 14.83
CA ALA A 170 0.11 0.37 13.74
C ALA A 170 -1.40 0.18 13.77
N GLU A 171 -2.18 1.23 13.48
CA GLU A 171 -3.64 1.05 13.32
C GLU A 171 -3.98 0.33 11.99
N VAL A 172 -3.08 0.40 10.98
CA VAL A 172 -3.35 -0.15 9.66
C VAL A 172 -2.07 -0.75 9.12
N ILE A 173 -2.21 -1.95 8.52
CA ILE A 173 -1.16 -2.66 7.79
C ILE A 173 -1.51 -2.66 6.30
N ASN A 174 -0.54 -2.30 5.44
CA ASN A 174 -0.70 -2.40 4.01
C ASN A 174 0.26 -3.47 3.49
N MET A 175 -0.31 -4.40 2.70
CA MET A 175 0.53 -5.42 2.08
C MET A 175 0.32 -5.41 0.58
N SER A 176 1.19 -4.65 -0.12
CA SER A 176 1.08 -4.60 -1.58
C SER A 176 1.94 -5.73 -2.18
N LEU A 177 1.50 -6.97 -2.01
CA LEU A 177 2.38 -8.12 -2.26
C LEU A 177 1.47 -9.36 -2.25
N GLY A 178 1.99 -10.47 -2.78
CA GLY A 178 1.28 -11.74 -2.64
C GLY A 178 1.97 -12.85 -3.41
N GLY A 179 1.34 -14.03 -3.42
CA GLY A 179 1.81 -15.17 -4.21
C GLY A 179 0.59 -16.05 -4.44
N SER A 180 0.76 -17.13 -5.19
CA SER A 180 -0.42 -17.94 -5.46
C SER A 180 -0.59 -18.91 -4.31
N GLY A 181 -1.82 -19.39 -4.11
CA GLY A 181 -2.04 -20.41 -3.11
C GLY A 181 -3.02 -19.95 -2.03
N SER A 182 -3.31 -20.89 -1.11
CA SER A 182 -4.31 -20.81 -0.05
C SER A 182 -3.81 -19.91 1.08
N CYS A 183 -4.62 -18.97 1.54
CA CYS A 183 -4.14 -18.31 2.74
C CYS A 183 -4.03 -19.41 3.78
N ASP A 184 -3.45 -19.22 4.98
CA ASP A 184 -4.07 -20.09 5.96
C ASP A 184 -3.14 -21.16 6.50
N GLY A 185 -3.31 -21.47 7.79
CA GLY A 185 -2.19 -21.84 8.61
C GLY A 185 -1.52 -20.57 9.10
N THR A 186 -0.22 -20.49 8.86
CA THR A 186 0.66 -19.43 9.34
C THR A 186 0.13 -18.05 8.95
N TYR A 187 -0.24 -17.86 7.69
CA TYR A 187 -0.65 -16.54 7.24
C TYR A 187 -1.91 -16.05 7.98
N GLN A 188 -2.98 -16.86 7.89
CA GLN A 188 -4.24 -16.55 8.54
C GLN A 188 -4.06 -16.28 10.05
N ASP A 189 -3.18 -17.04 10.72
CA ASP A 189 -2.98 -16.83 12.14
C ASP A 189 -2.33 -15.49 12.40
N ALA A 190 -1.28 -15.11 11.62
CA ALA A 190 -0.63 -13.82 11.86
C ALA A 190 -1.66 -12.71 11.70
N ILE A 191 -2.44 -12.85 10.65
CA ILE A 191 -3.48 -11.86 10.32
C ILE A 191 -4.53 -11.79 11.43
N ASN A 192 -5.07 -12.95 11.81
CA ASN A 192 -5.98 -12.98 12.96
C ASN A 192 -5.38 -12.27 14.17
N GLY A 193 -4.09 -12.50 14.46
CA GLY A 193 -3.44 -11.80 15.55
C GLY A 193 -3.48 -10.27 15.44
N ALA A 194 -3.24 -9.76 14.21
CA ALA A 194 -3.26 -8.32 13.98
C ALA A 194 -4.66 -7.76 14.21
N ILE A 195 -5.66 -8.39 13.61
CA ILE A 195 -7.06 -8.05 13.82
C ILE A 195 -7.42 -8.02 15.33
N SER A 196 -7.08 -9.06 16.11
CA SER A 196 -7.38 -9.11 17.55
C SER A 196 -6.75 -7.96 18.31
N ARG A 197 -5.72 -7.32 17.73
CA ARG A 197 -5.08 -6.18 18.36
C ARG A 197 -5.65 -4.86 17.85
N GLY A 198 -6.70 -4.93 17.02
CA GLY A 198 -7.38 -3.76 16.47
C GLY A 198 -6.81 -3.22 15.15
N THR A 199 -5.87 -3.92 14.49
CA THR A 199 -5.19 -3.40 13.32
C THR A 199 -6.03 -3.83 12.10
N THR A 200 -6.39 -2.87 11.21
CA THR A 200 -6.95 -3.14 9.89
C THR A 200 -5.86 -3.56 8.92
N VAL A 201 -6.12 -4.68 8.20
CA VAL A 201 -5.15 -5.24 7.27
C VAL A 201 -5.71 -5.10 5.83
N VAL A 202 -5.02 -4.33 4.98
CA VAL A 202 -5.42 -3.95 3.60
C VAL A 202 -4.38 -4.53 2.64
N VAL A 203 -4.84 -5.31 1.62
CA VAL A 203 -3.90 -6.00 0.74
C VAL A 203 -4.32 -5.81 -0.74
N ALA A 204 -3.33 -5.93 -1.65
CA ALA A 204 -3.57 -5.91 -3.08
C ALA A 204 -4.24 -7.22 -3.52
N ALA A 205 -5.20 -7.13 -4.47
CA ALA A 205 -5.94 -8.28 -4.94
C ALA A 205 -5.06 -9.15 -5.81
N GLY A 206 -4.00 -8.55 -6.41
CA GLY A 206 -3.17 -9.28 -7.36
C GLY A 206 -3.48 -8.89 -8.83
N ASN A 207 -2.56 -9.26 -9.73
CA ASN A 207 -2.51 -8.69 -11.06
C ASN A 207 -2.50 -9.75 -12.17
N GLU A 208 -3.16 -10.90 -11.98
CA GLU A 208 -3.06 -12.01 -12.93
C GLU A 208 -4.32 -12.09 -13.79
N THR A 209 -5.14 -11.03 -13.82
CA THR A 209 -6.46 -11.11 -14.51
C THR A 209 -7.18 -12.41 -14.07
N ASP A 210 -7.18 -12.68 -12.73
CA ASP A 210 -7.59 -14.01 -12.29
C ASP A 210 -8.49 -13.84 -11.06
N ASN A 211 -9.04 -14.97 -10.58
CA ASN A 211 -9.81 -14.94 -9.34
C ASN A 211 -8.89 -14.75 -8.12
N ALA A 212 -9.23 -13.75 -7.30
CA ALA A 212 -8.42 -13.38 -6.15
C ALA A 212 -8.41 -14.53 -5.15
N SER A 213 -9.39 -15.46 -5.25
CA SER A 213 -9.50 -16.58 -4.32
C SER A 213 -8.29 -17.48 -4.42
N LYS A 214 -7.46 -17.39 -5.49
CA LYS A 214 -6.38 -18.30 -5.71
C LYS A 214 -5.04 -17.72 -5.24
N TYR A 215 -5.04 -16.56 -4.59
CA TYR A 215 -3.76 -15.91 -4.21
C TYR A 215 -3.84 -15.50 -2.74
N ARG A 216 -2.69 -15.18 -2.14
CA ARG A 216 -2.62 -14.83 -0.71
C ARG A 216 -1.60 -13.71 -0.57
N PRO A 217 -1.82 -12.70 0.28
CA PRO A 217 -2.98 -12.65 1.17
C PRO A 217 -4.35 -12.20 0.66
N ALA A 218 -4.53 -12.01 -0.67
CA ALA A 218 -5.81 -11.59 -1.26
C ALA A 218 -6.99 -12.42 -0.74
N SER A 219 -6.79 -13.75 -0.57
CA SER A 219 -7.93 -14.59 -0.24
C SER A 219 -8.06 -14.86 1.26
N CYS A 220 -7.26 -14.22 2.11
CA CYS A 220 -7.31 -14.52 3.53
C CYS A 220 -8.63 -13.98 4.11
N ASP A 221 -9.10 -14.57 5.22
CA ASP A 221 -10.29 -14.08 5.87
C ASP A 221 -9.90 -12.84 6.65
N GLY A 222 -10.85 -11.90 6.75
CA GLY A 222 -10.69 -10.72 7.60
C GLY A 222 -9.86 -9.57 7.07
N VAL A 223 -9.34 -9.67 5.83
CA VAL A 223 -8.60 -8.52 5.29
C VAL A 223 -9.51 -7.70 4.36
N VAL A 224 -9.06 -6.49 4.01
CA VAL A 224 -9.71 -5.72 2.97
C VAL A 224 -8.93 -5.96 1.68
N THR A 225 -9.55 -6.66 0.71
CA THR A 225 -8.87 -6.98 -0.53
C THR A 225 -9.21 -5.95 -1.59
N VAL A 226 -8.17 -5.36 -2.22
CA VAL A 226 -8.40 -4.19 -3.04
C VAL A 226 -8.03 -4.46 -4.51
N GLY A 227 -9.02 -4.29 -5.42
CA GLY A 227 -8.83 -4.39 -6.87
C GLY A 227 -8.36 -3.05 -7.47
N ALA A 228 -8.14 -3.01 -8.78
CA ALA A 228 -7.51 -1.80 -9.32
C ALA A 228 -8.36 -1.27 -10.47
N THR A 229 -8.56 0.07 -10.46
CA THR A 229 -9.28 0.76 -11.50
C THR A 229 -8.36 1.71 -12.27
N ARG A 230 -8.85 2.15 -13.47
CA ARG A 230 -8.23 3.06 -14.40
C ARG A 230 -8.64 4.50 -14.08
N ILE A 231 -7.96 5.45 -14.72
CA ILE A 231 -8.45 6.82 -14.67
C ILE A 231 -9.91 6.91 -15.11
N THR A 232 -10.36 5.98 -15.98
CA THR A 232 -11.73 5.98 -16.49
C THR A 232 -12.77 5.60 -15.41
N GLY A 233 -12.31 4.91 -14.36
CA GLY A 233 -13.20 4.33 -13.35
C GLY A 233 -13.51 2.86 -13.69
N GLY A 234 -12.99 2.28 -14.79
CA GLY A 234 -13.33 0.88 -15.06
C GLY A 234 -12.16 -0.04 -14.67
N ILE A 235 -12.35 -1.36 -14.78
CA ILE A 235 -11.35 -2.33 -14.32
C ILE A 235 -10.07 -2.20 -15.15
N THR A 236 -8.89 -2.40 -14.53
CA THR A 236 -7.65 -2.41 -15.30
C THR A 236 -7.56 -3.77 -16.00
N TYR A 237 -6.62 -3.91 -16.96
CA TYR A 237 -6.53 -5.14 -17.74
C TYR A 237 -5.98 -6.28 -16.87
N TYR A 238 -5.29 -5.95 -15.76
CA TYR A 238 -4.56 -6.95 -14.98
C TYR A 238 -5.27 -7.28 -13.67
N SER A 239 -6.25 -6.47 -13.23
CA SER A 239 -6.80 -6.60 -11.87
C SER A 239 -7.36 -8.01 -11.66
N ASN A 240 -7.03 -8.65 -10.55
CA ASN A 240 -7.78 -9.85 -10.13
C ASN A 240 -9.17 -9.39 -9.75
N TYR A 241 -10.11 -10.37 -9.61
CA TYR A 241 -11.52 -10.13 -9.39
C TYR A 241 -12.12 -11.27 -8.52
N GLY A 242 -13.45 -11.22 -8.30
CA GLY A 242 -14.11 -12.34 -7.67
C GLY A 242 -14.70 -11.85 -6.34
N SER A 243 -15.44 -12.73 -5.66
CA SER A 243 -16.26 -12.22 -4.56
C SER A 243 -15.39 -11.84 -3.36
N ARG A 244 -14.12 -12.28 -3.32
CA ARG A 244 -13.27 -11.87 -2.22
C ARG A 244 -12.87 -10.38 -2.32
N VAL A 245 -12.96 -9.80 -3.53
CA VAL A 245 -12.50 -8.41 -3.71
C VAL A 245 -13.53 -7.51 -3.03
N ASP A 246 -13.10 -6.64 -2.11
CA ASP A 246 -14.07 -5.85 -1.34
C ASP A 246 -14.45 -4.52 -1.99
N LEU A 247 -13.45 -3.83 -2.59
CA LEU A 247 -13.66 -2.55 -3.29
C LEU A 247 -12.34 -2.32 -4.04
N SER A 248 -12.24 -1.23 -4.79
CA SER A 248 -11.08 -0.95 -5.62
C SER A 248 -10.52 0.43 -5.28
N GLY A 249 -9.25 0.62 -5.67
CA GLY A 249 -8.62 1.92 -5.64
C GLY A 249 -7.95 2.13 -7.00
N PRO A 250 -7.47 3.34 -7.27
CA PRO A 250 -6.80 3.61 -8.54
C PRO A 250 -5.50 2.82 -8.57
N GLY A 251 -5.35 1.94 -9.56
CA GLY A 251 -4.06 1.24 -9.75
C GLY A 251 -3.31 1.67 -11.01
N GLY A 252 -4.02 2.30 -11.95
CA GLY A 252 -3.46 2.75 -13.22
C GLY A 252 -3.72 1.74 -14.34
N GLY A 253 -4.32 2.19 -15.45
CA GLY A 253 -4.58 1.25 -16.55
C GLY A 253 -3.37 0.80 -17.41
N GLY A 254 -2.15 1.37 -17.24
CA GLY A 254 -1.02 1.13 -18.15
C GLY A 254 -1.13 1.87 -19.49
N SER A 255 -0.53 1.32 -20.56
CA SER A 255 -0.26 2.15 -21.72
C SER A 255 -1.54 2.56 -22.41
N VAL A 256 -2.61 1.77 -22.24
CA VAL A 256 -3.82 2.18 -22.91
C VAL A 256 -4.26 3.58 -22.46
N ASP A 257 -3.90 4.04 -21.25
CA ASP A 257 -4.39 5.33 -20.80
C ASP A 257 -3.30 6.41 -20.89
N GLY A 258 -2.16 6.02 -21.45
CA GLY A 258 -1.09 6.99 -21.73
C GLY A 258 -0.31 7.39 -20.49
N ASN A 259 0.47 8.44 -20.67
CA ASN A 259 1.28 9.00 -19.62
C ASN A 259 0.86 10.46 -19.45
N PRO A 260 0.40 10.96 -18.29
CA PRO A 260 0.48 10.22 -17.01
C PRO A 260 -0.73 9.36 -16.61
N GLY A 261 -1.81 9.36 -17.45
CA GLY A 261 -3.09 8.84 -17.00
C GLY A 261 -3.08 7.32 -16.68
N GLY A 262 -2.08 6.60 -17.15
CA GLY A 262 -2.07 5.14 -17.02
C GLY A 262 -1.32 4.71 -15.73
N TYR A 263 -0.85 5.65 -14.89
CA TYR A 263 0.12 5.28 -13.85
C TYR A 263 -0.18 6.05 -12.57
N VAL A 264 0.19 5.48 -11.41
CA VAL A 264 0.14 6.20 -10.13
C VAL A 264 1.53 6.79 -9.84
N TRP A 265 1.57 8.03 -9.33
CA TRP A 265 2.81 8.82 -9.30
C TRP A 265 3.19 9.17 -7.86
N GLN A 266 4.44 8.80 -7.45
CA GLN A 266 4.91 9.09 -6.10
C GLN A 266 6.44 9.13 -6.04
N SER A 267 6.98 9.50 -4.85
CA SER A 267 8.39 9.34 -4.47
C SER A 267 8.98 7.97 -4.84
N GLY A 268 10.20 8.01 -5.42
CA GLY A 268 10.98 6.81 -5.72
C GLY A 268 12.42 7.21 -6.10
N SER A 269 13.05 6.48 -7.02
CA SER A 269 14.42 6.75 -7.43
C SER A 269 14.57 6.21 -8.86
N ASP A 270 15.50 6.78 -9.65
CA ASP A 270 15.81 6.15 -10.93
C ASP A 270 16.98 5.14 -10.81
N ALA A 271 17.51 4.86 -9.61
CA ALA A 271 18.61 3.89 -9.44
C ALA A 271 18.33 2.50 -10.06
N ALA A 272 19.24 1.95 -10.91
CA ALA A 272 18.98 0.64 -11.55
C ALA A 272 19.29 -0.54 -10.61
N THR A 273 20.31 -0.41 -9.75
CA THR A 273 20.72 -1.46 -8.83
C THR A 273 20.67 -0.90 -7.40
N THR A 274 21.80 -0.40 -6.87
CA THR A 274 21.90 0.03 -5.47
C THR A 274 21.30 1.43 -5.37
N PRO A 275 20.96 1.94 -4.17
CA PRO A 275 20.46 3.31 -4.02
C PRO A 275 21.43 4.33 -4.63
N GLU A 276 22.75 4.08 -4.43
CA GLU A 276 23.81 4.97 -4.90
C GLU A 276 23.93 5.00 -6.42
N SER A 277 23.42 3.99 -7.12
CA SER A 277 23.54 3.98 -8.57
C SER A 277 22.63 5.02 -9.24
N GLY A 278 21.75 5.72 -8.47
CA GLY A 278 20.86 6.71 -9.07
C GLY A 278 20.52 7.81 -8.07
N SER A 279 19.32 8.41 -8.17
CA SER A 279 19.02 9.51 -7.25
C SER A 279 17.51 9.62 -7.04
N TYR A 280 17.10 10.37 -6.01
CA TYR A 280 15.70 10.53 -5.68
C TYR A 280 14.94 11.09 -6.87
N SER A 281 13.71 10.57 -7.11
CA SER A 281 12.92 10.97 -8.28
C SER A 281 11.42 10.85 -7.93
N TYR A 282 10.54 11.00 -8.94
CA TYR A 282 9.14 10.60 -8.78
C TYR A 282 8.83 9.61 -9.89
N MET A 283 8.19 8.46 -9.58
CA MET A 283 8.07 7.35 -10.53
C MET A 283 6.58 7.10 -10.79
N GLY A 284 6.27 6.60 -12.00
CA GLY A 284 4.90 6.18 -12.30
C GLY A 284 4.87 4.67 -12.30
N MET A 285 3.93 4.04 -11.57
CA MET A 285 3.89 2.59 -11.52
C MET A 285 2.42 2.19 -11.63
N GLY A 286 2.14 0.96 -12.03
CA GLY A 286 0.76 0.50 -12.12
C GLY A 286 0.62 -0.81 -11.34
N GLY A 287 -0.55 -1.06 -10.70
CA GLY A 287 -0.81 -2.40 -10.15
C GLY A 287 -1.82 -2.32 -9.01
N THR A 288 -2.35 -3.50 -8.59
CA THR A 288 -3.16 -3.52 -7.37
C THR A 288 -2.30 -3.05 -6.18
N SER A 289 -0.95 -3.10 -6.35
CA SER A 289 -0.02 -2.59 -5.33
C SER A 289 -0.17 -1.10 -5.06
N MET A 290 -0.59 -0.35 -6.08
CA MET A 290 -0.74 1.12 -5.99
C MET A 290 -2.16 1.42 -5.51
N ALA A 291 -3.14 0.54 -5.79
CA ALA A 291 -4.52 0.76 -5.34
C ALA A 291 -4.65 0.56 -3.82
N SER A 292 -4.11 -0.57 -3.33
CA SER A 292 -4.15 -0.94 -1.92
C SER A 292 -3.76 0.22 -0.97
N PRO A 293 -2.60 0.92 -1.11
CA PRO A 293 -2.30 2.05 -0.21
C PRO A 293 -3.24 3.24 -0.23
N HIS A 294 -4.00 3.38 -1.34
CA HIS A 294 -4.99 4.46 -1.31
C HIS A 294 -6.07 4.10 -0.25
N VAL A 295 -6.43 2.81 -0.20
CA VAL A 295 -7.44 2.38 0.75
C VAL A 295 -6.91 2.38 2.19
N ALA A 296 -5.69 1.82 2.40
CA ALA A 296 -4.99 1.90 3.66
C ALA A 296 -4.94 3.34 4.18
N ALA A 297 -4.64 4.26 3.30
CA ALA A 297 -4.52 5.64 3.81
C ALA A 297 -5.90 6.22 4.14
N VAL A 298 -6.95 5.83 3.41
CA VAL A 298 -8.26 6.30 3.78
C VAL A 298 -8.60 5.76 5.17
N ALA A 299 -8.22 4.50 5.44
CA ALA A 299 -8.50 3.97 6.76
C ALA A 299 -7.81 4.85 7.80
N ALA A 300 -6.55 5.23 7.53
CA ALA A 300 -5.81 6.13 8.42
C ALA A 300 -6.52 7.48 8.60
N LEU A 301 -7.06 8.09 7.51
CA LEU A 301 -7.71 9.40 7.63
C LEU A 301 -8.86 9.30 8.63
N VAL A 302 -9.63 8.21 8.54
CA VAL A 302 -10.82 7.91 9.35
C VAL A 302 -10.49 7.73 10.84
N GLN A 303 -9.52 6.87 11.17
CA GLN A 303 -9.10 6.69 12.56
C GLN A 303 -8.66 8.03 13.15
N SER A 304 -7.92 8.81 12.38
CA SER A 304 -7.34 10.08 12.84
C SER A 304 -8.47 11.07 13.17
N ALA A 305 -9.47 11.10 12.30
CA ALA A 305 -10.57 12.03 12.44
C ALA A 305 -11.37 11.65 13.67
N LEU A 306 -11.61 10.35 13.88
CA LEU A 306 -12.30 9.84 15.08
C LEU A 306 -11.54 10.24 16.35
N ILE A 307 -10.25 9.97 16.43
CA ILE A 307 -9.49 10.39 17.57
C ILE A 307 -9.54 11.91 17.76
N ALA A 308 -9.41 12.73 16.69
CA ALA A 308 -9.52 14.18 16.84
C ALA A 308 -10.88 14.63 17.44
N LYS A 309 -11.98 13.88 17.25
CA LYS A 309 -13.25 14.31 17.79
C LYS A 309 -13.49 13.59 19.12
N GLY A 310 -12.50 12.88 19.62
CA GLY A 310 -12.62 12.19 20.89
C GLY A 310 -13.48 10.94 20.79
N LYS A 311 -13.75 10.41 19.58
CA LYS A 311 -14.57 9.21 19.39
C LYS A 311 -13.66 7.99 19.30
N ASP A 312 -14.27 6.81 19.45
CA ASP A 312 -13.55 5.53 19.47
C ASP A 312 -13.09 5.15 18.04
N PRO A 313 -11.84 4.64 17.87
CA PRO A 313 -11.41 4.07 16.57
C PRO A 313 -12.35 2.96 16.13
N LEU A 314 -12.55 2.72 14.81
CA LEU A 314 -13.32 1.56 14.38
C LEU A 314 -12.50 0.30 14.61
N ALA A 315 -13.19 -0.81 14.98
CA ALA A 315 -12.55 -2.12 14.98
C ALA A 315 -12.40 -2.52 13.52
N PRO A 316 -11.49 -3.45 13.18
CA PRO A 316 -11.33 -3.89 11.78
C PRO A 316 -12.58 -4.25 10.98
N ALA A 317 -13.47 -5.08 11.53
CA ALA A 317 -14.70 -5.36 10.78
C ALA A 317 -15.44 -4.06 10.46
N ALA A 318 -15.59 -3.12 11.44
CA ALA A 318 -16.36 -1.90 11.17
C ALA A 318 -15.66 -1.07 10.09
N MET A 319 -14.32 -1.09 10.12
CA MET A 319 -13.61 -0.34 9.12
C MET A 319 -13.88 -0.88 7.69
N ARG A 320 -13.75 -2.20 7.51
CA ARG A 320 -13.99 -2.76 6.18
C ARG A 320 -15.40 -2.39 5.70
N THR A 321 -16.40 -2.52 6.59
CA THR A 321 -17.79 -2.28 6.25
C THR A 321 -17.96 -0.83 5.79
N LEU A 322 -17.37 0.08 6.55
CA LEU A 322 -17.46 1.49 6.24
C LEU A 322 -16.85 1.75 4.86
N LEU A 323 -15.67 1.16 4.61
CA LEU A 323 -14.98 1.44 3.35
C LEU A 323 -15.81 0.90 2.19
N LYS A 324 -16.42 -0.31 2.34
CA LYS A 324 -17.25 -0.88 1.27
C LYS A 324 -18.52 -0.05 1.05
N GLU A 325 -19.16 0.35 2.16
CA GLU A 325 -20.47 0.98 2.10
C GLU A 325 -20.34 2.36 1.49
N THR A 326 -19.18 3.01 1.67
CA THR A 326 -19.08 4.39 1.20
C THR A 326 -18.34 4.50 -0.15
N ALA A 327 -17.97 3.36 -0.78
CA ALA A 327 -17.20 3.41 -2.03
C ALA A 327 -18.09 4.06 -3.11
N ARG A 328 -17.52 4.84 -4.04
CA ARG A 328 -18.29 5.44 -5.14
C ARG A 328 -18.57 4.36 -6.19
N PRO A 329 -19.84 4.07 -6.59
CA PRO A 329 -20.12 3.10 -7.64
C PRO A 329 -19.36 3.42 -8.93
N PHE A 330 -18.89 2.39 -9.63
CA PHE A 330 -18.06 2.57 -10.82
C PHE A 330 -18.79 3.38 -11.89
N PRO A 331 -18.07 4.36 -12.52
CA PRO A 331 -18.63 5.15 -13.59
C PRO A 331 -18.68 4.47 -14.97
N VAL A 332 -18.13 3.25 -15.04
CA VAL A 332 -18.06 2.40 -16.22
C VAL A 332 -18.55 1.02 -15.76
N SER A 333 -19.32 0.30 -16.58
CA SER A 333 -19.84 -1.00 -16.21
C SER A 333 -18.71 -1.98 -15.89
N ILE A 334 -18.86 -2.71 -14.77
CA ILE A 334 -17.95 -3.82 -14.56
C ILE A 334 -18.64 -5.13 -15.00
N PRO A 335 -18.01 -5.97 -15.86
CA PRO A 335 -18.52 -7.30 -16.27
C PRO A 335 -18.86 -8.16 -15.04
N THR A 336 -20.06 -8.74 -15.02
CA THR A 336 -20.52 -9.48 -13.86
C THR A 336 -19.59 -10.67 -13.58
N ALA A 337 -18.84 -11.20 -14.57
CA ALA A 337 -17.93 -12.31 -14.26
C ALA A 337 -16.60 -11.84 -13.62
N THR A 338 -16.32 -10.52 -13.63
CA THR A 338 -15.07 -9.99 -13.04
C THR A 338 -15.40 -8.89 -12.00
N PRO A 339 -16.13 -9.20 -10.88
CA PRO A 339 -16.52 -8.15 -9.93
C PRO A 339 -15.27 -7.71 -9.14
N ILE A 340 -15.19 -6.41 -8.85
CA ILE A 340 -14.07 -5.86 -8.10
C ILE A 340 -14.58 -5.02 -6.93
N GLY A 341 -15.58 -5.54 -6.23
CA GLY A 341 -16.00 -4.88 -5.00
C GLY A 341 -17.13 -3.88 -5.23
N THR A 342 -17.41 -3.05 -4.21
CA THR A 342 -18.62 -2.24 -4.23
C THR A 342 -18.44 -0.95 -5.03
N GLY A 343 -17.18 -0.55 -5.26
CA GLY A 343 -16.89 0.70 -5.94
C GLY A 343 -15.44 1.14 -5.68
N ILE A 344 -15.13 2.42 -5.95
CA ILE A 344 -13.79 2.98 -5.77
C ILE A 344 -13.82 3.72 -4.44
N VAL A 345 -12.82 3.43 -3.61
CA VAL A 345 -12.75 4.03 -2.27
C VAL A 345 -12.96 5.53 -2.45
N ASP A 346 -13.75 6.09 -1.53
CA ASP A 346 -14.08 7.51 -1.60
C ASP A 346 -13.74 8.10 -0.24
N ALA A 347 -12.58 8.77 -0.18
CA ALA A 347 -12.04 9.29 1.07
C ALA A 347 -13.03 10.20 1.79
N LYS A 348 -13.71 11.11 1.06
CA LYS A 348 -14.63 12.06 1.70
C LYS A 348 -15.88 11.34 2.25
N ALA A 349 -16.45 10.39 1.45
CA ALA A 349 -17.68 9.70 1.85
C ALA A 349 -17.41 8.85 3.09
N ALA A 350 -16.23 8.22 3.16
CA ALA A 350 -15.88 7.38 4.31
C ALA A 350 -15.80 8.25 5.58
N LEU A 351 -15.12 9.40 5.48
CA LEU A 351 -15.05 10.37 6.54
C LEU A 351 -16.45 10.80 6.99
N ALA A 352 -17.33 11.13 6.03
CA ALA A 352 -18.59 11.77 6.40
C ALA A 352 -19.44 10.78 7.20
N LYS A 353 -19.44 9.52 6.76
CA LYS A 353 -20.22 8.46 7.41
C LYS A 353 -19.66 8.17 8.80
N ALA A 354 -18.35 8.03 8.92
CA ALA A 354 -17.71 7.76 10.19
C ALA A 354 -17.97 8.90 11.17
N LEU A 355 -18.12 10.13 10.73
CA LEU A 355 -18.26 11.19 11.71
C LEU A 355 -19.75 11.51 11.95
N GLU A 356 -20.67 10.82 11.28
CA GLU A 356 -22.07 11.16 11.47
C GLU A 356 -22.55 10.77 12.88
#